data_3TIG
#
_entry.id   3TIG
#
_cell.length_a   116.570
_cell.length_b   76.220
_cell.length_c   44.240
_cell.angle_alpha   90.00
_cell.angle_beta   90.64
_cell.angle_gamma   90.00
#
_symmetry.space_group_name_H-M   'C 1 2 1'
#
loop_
_entity.id
_entity.type
_entity.pdbx_description
1 polymer 'Ttl protein'
2 non-polymer 'MAGNESIUM ION'
3 water water
#
_entity_poly.entity_id   1
_entity_poly.type   'polypeptide(L)'
_entity_poly.pdbx_seq_one_letter_code
;GSFTYTFVVRDENSTVYAEVAKILLASGQWKRLKRDNPKFNLMLGERNRLPFGRLGHEPGLVQLVNYYRGADKLCRKASL
VKLIKTSPELTETCTWFPESYVIYPTNEKTPAMRARNGLPDLANAPRTDEREEFRSSFNKKKENEEGNVWIAKSSSGAKG
EGILISSDATELLDFIDNQGQVHVIQKYLESPLLLEPGHRKFDIRSWVLVDNQYNIYLYREGVLRTSSEPYSDTNFQDMT
SHLTNHCIQKEHSKNYGRYEEGNEMFFEEFNQYLVTSLNINLENSILCQIKEIIRVCLSCLEPAISTKYLPYHSFQLFGF
DFMVDKNLKVWLIEVNGAPACAQKLYAELCKGIVDLAISSVFPLNEENHKPTEDNVFIKL
;
_entity_poly.pdbx_strand_id   A
#
# COMPACT_ATOMS: atom_id res chain seq x y z
N GLY A 1 3.58 -3.80 36.32
CA GLY A 1 4.08 -3.38 34.99
C GLY A 1 5.24 -2.41 35.09
N SER A 2 5.17 -1.30 34.37
CA SER A 2 6.23 -0.31 34.42
C SER A 2 7.58 -0.86 34.00
N PHE A 3 7.71 -1.18 32.71
CA PHE A 3 8.95 -1.73 32.19
C PHE A 3 9.63 -0.71 31.30
N THR A 4 10.79 -1.08 30.76
CA THR A 4 11.52 -0.21 29.87
C THR A 4 11.90 -1.07 28.68
N TYR A 5 11.19 -0.88 27.57
CA TYR A 5 11.44 -1.62 26.33
C TYR A 5 12.50 -0.93 25.47
N THR A 6 13.25 -1.69 24.68
CA THR A 6 14.28 -1.11 23.84
C THR A 6 13.95 -1.12 22.34
N PHE A 7 14.73 -0.39 21.54
CA PHE A 7 14.50 -0.35 20.09
C PHE A 7 15.63 0.29 19.32
N VAL A 8 15.83 -0.15 18.10
CA VAL A 8 16.86 0.39 17.23
C VAL A 8 16.15 0.97 16.02
N VAL A 9 16.78 1.96 15.39
CA VAL A 9 16.23 2.64 14.23
C VAL A 9 17.22 2.44 13.09
N ARG A 10 16.82 1.67 12.09
CA ARG A 10 17.71 1.42 10.97
C ARG A 10 17.34 2.23 9.72
N ASP A 11 16.20 2.92 9.77
CA ASP A 11 15.76 3.75 8.63
C ASP A 11 15.62 5.18 9.14
N GLU A 12 16.65 5.97 8.90
CA GLU A 12 16.72 7.37 9.33
C GLU A 12 15.85 8.30 8.48
N ASN A 13 15.69 7.93 7.21
CA ASN A 13 14.94 8.72 6.23
C ASN A 13 13.41 8.63 6.30
N SER A 14 12.89 7.69 7.10
CA SER A 14 11.45 7.52 7.26
C SER A 14 10.86 8.58 8.18
N THR A 15 10.03 9.44 7.63
CA THR A 15 9.42 10.48 8.41
C THR A 15 8.37 9.84 9.32
N VAL A 16 7.68 8.83 8.81
CA VAL A 16 6.67 8.14 9.61
C VAL A 16 7.27 7.46 10.83
N TYR A 17 8.44 6.82 10.66
CA TYR A 17 9.07 6.13 11.77
C TYR A 17 10.02 6.94 12.65
N ALA A 18 10.36 8.15 12.18
CA ALA A 18 11.18 9.05 12.97
C ALA A 18 10.15 9.60 13.95
N GLU A 19 8.92 9.77 13.47
CA GLU A 19 7.84 10.28 14.31
C GLU A 19 7.44 9.28 15.37
N VAL A 20 7.38 8.00 15.00
CA VAL A 20 6.99 6.95 15.94
C VAL A 20 8.06 6.84 17.03
N ALA A 21 9.31 7.06 16.63
CA ALA A 21 10.45 7.00 17.53
C ALA A 21 10.38 8.11 18.55
N LYS A 22 9.97 9.29 18.12
CA LYS A 22 9.87 10.42 19.04
C LYS A 22 8.78 10.13 20.06
N ILE A 23 7.72 9.44 19.64
CA ILE A 23 6.64 9.13 20.56
C ILE A 23 7.06 8.00 21.49
N LEU A 24 7.99 7.17 21.04
CA LEU A 24 8.46 6.04 21.85
C LEU A 24 9.31 6.52 23.02
N LEU A 25 10.16 7.51 22.75
CA LEU A 25 11.02 8.09 23.77
C LEU A 25 10.12 9.01 24.62
N ALA A 26 8.93 9.31 24.08
CA ALA A 26 7.98 10.17 24.79
C ALA A 26 7.41 9.40 25.96
N SER A 27 6.98 8.18 25.70
CA SER A 27 6.40 7.33 26.74
C SER A 27 7.31 7.23 27.97
N GLY A 28 8.57 7.62 27.79
CA GLY A 28 9.51 7.55 28.89
C GLY A 28 9.74 6.09 29.27
N GLN A 29 9.17 5.17 28.49
CA GLN A 29 9.30 3.74 28.73
C GLN A 29 10.09 3.04 27.63
N TRP A 30 10.63 3.81 26.70
CA TRP A 30 11.39 3.21 25.61
C TRP A 30 12.79 3.77 25.51
N LYS A 31 13.75 2.91 25.22
CA LYS A 31 15.12 3.31 25.12
C LYS A 31 15.64 2.93 23.74
N ARG A 32 16.18 3.91 23.03
CA ARG A 32 16.72 3.64 21.71
C ARG A 32 18.16 3.22 21.87
N LEU A 33 18.52 2.09 21.28
CA LEU A 33 19.87 1.59 21.36
C LEU A 33 20.64 2.01 20.12
N LYS A 34 21.79 1.39 19.93
CA LYS A 34 22.65 1.68 18.80
C LYS A 34 22.23 0.82 17.62
N ARG A 35 22.28 1.44 16.45
CA ARG A 35 21.92 0.80 15.20
C ARG A 35 22.12 -0.71 15.22
N ASP A 36 23.37 -1.14 15.46
CA ASP A 36 23.67 -2.56 15.45
C ASP A 36 23.54 -3.34 16.77
N ASN A 37 22.86 -2.77 17.76
CA ASN A 37 22.68 -3.48 19.03
C ASN A 37 21.64 -4.55 18.81
N PRO A 38 21.96 -5.82 19.11
CA PRO A 38 21.02 -6.93 18.91
C PRO A 38 19.94 -7.11 19.95
N LYS A 39 20.05 -6.40 21.07
CA LYS A 39 19.09 -6.57 22.14
C LYS A 39 17.93 -5.59 22.20
N PHE A 40 17.16 -5.57 21.12
CA PHE A 40 16.00 -4.67 21.01
C PHE A 40 14.67 -5.43 21.07
N ASN A 41 13.64 -4.73 21.53
CA ASN A 41 12.31 -5.29 21.59
C ASN A 41 11.66 -5.00 20.24
N LEU A 42 11.95 -3.80 19.75
CA LEU A 42 11.40 -3.30 18.51
C LEU A 42 12.47 -2.85 17.51
N MET A 43 12.21 -3.14 16.25
CA MET A 43 13.11 -2.70 15.20
C MET A 43 12.32 -1.98 14.11
N LEU A 44 12.63 -0.71 13.91
CA LEU A 44 12.02 0.08 12.85
C LEU A 44 13.09 -0.06 11.79
N GLY A 45 12.96 -1.10 10.98
CA GLY A 45 13.97 -1.40 9.97
C GLY A 45 14.03 -0.58 8.70
N GLU A 46 15.07 -0.86 7.92
CA GLU A 46 15.30 -0.22 6.63
C GLU A 46 14.29 -0.69 5.59
N ARG A 47 13.91 0.23 4.70
CA ARG A 47 12.94 -0.05 3.64
C ARG A 47 13.25 -1.32 2.82
N ASN A 48 14.44 -1.34 2.22
CA ASN A 48 14.86 -2.48 1.40
C ASN A 48 15.86 -3.33 2.16
N ARG A 49 15.94 -4.60 1.77
CA ARG A 49 16.86 -5.55 2.37
C ARG A 49 16.99 -5.41 3.89
N LEU A 50 16.00 -5.94 4.61
CA LEU A 50 16.01 -5.90 6.07
C LEU A 50 16.46 -7.30 6.50
N PRO A 51 17.35 -7.37 7.51
CA PRO A 51 17.89 -8.62 8.05
C PRO A 51 16.95 -9.47 8.88
N PHE A 52 15.84 -9.89 8.30
CA PHE A 52 14.86 -10.71 9.00
C PHE A 52 15.45 -11.98 9.60
N GLY A 53 16.44 -12.54 8.92
CA GLY A 53 17.07 -13.77 9.37
C GLY A 53 17.65 -13.75 10.77
N ARG A 54 18.12 -12.60 11.21
CA ARG A 54 18.71 -12.51 12.55
C ARG A 54 17.72 -12.07 13.64
N LEU A 55 16.43 -12.28 13.41
CA LEU A 55 15.42 -11.89 14.40
C LEU A 55 14.98 -13.04 15.31
N GLY A 56 14.68 -12.70 16.56
CA GLY A 56 14.24 -13.71 17.51
C GLY A 56 15.24 -14.80 17.89
N HIS A 57 16.54 -14.49 17.79
CA HIS A 57 17.58 -15.46 18.14
C HIS A 57 18.24 -15.18 19.49
N GLU A 58 17.88 -14.07 20.11
CA GLU A 58 18.41 -13.69 21.42
C GLU A 58 17.41 -14.25 22.45
N PRO A 59 17.68 -15.45 23.00
CA PRO A 59 16.77 -16.06 23.98
C PRO A 59 16.26 -15.13 25.08
N GLY A 60 14.94 -15.11 25.27
CA GLY A 60 14.35 -14.26 26.29
C GLY A 60 13.80 -12.94 25.75
N LEU A 61 14.30 -12.52 24.59
CA LEU A 61 13.91 -11.28 23.93
C LEU A 61 12.78 -11.44 22.91
N VAL A 62 11.60 -10.92 23.21
CA VAL A 62 10.52 -10.97 22.24
C VAL A 62 10.79 -9.78 21.31
N GLN A 63 10.86 -10.06 20.01
CA GLN A 63 11.15 -9.02 19.05
C GLN A 63 10.07 -8.72 18.03
N LEU A 64 9.86 -7.42 17.80
CA LEU A 64 8.87 -6.92 16.89
C LEU A 64 9.57 -6.03 15.87
N VAL A 65 9.16 -6.15 14.61
CA VAL A 65 9.75 -5.39 13.53
C VAL A 65 8.61 -4.80 12.70
N ASN A 66 8.81 -3.57 12.23
CA ASN A 66 7.78 -2.86 11.49
C ASN A 66 7.57 -3.27 10.03
N TYR A 67 7.99 -4.48 9.66
CA TYR A 67 7.81 -4.97 8.30
C TYR A 67 7.45 -6.46 8.27
N TYR A 68 6.64 -6.82 7.28
CA TYR A 68 6.27 -8.21 7.11
C TYR A 68 7.13 -8.73 5.98
N ARG A 69 8.02 -9.65 6.27
CA ARG A 69 8.86 -10.24 5.23
C ARG A 69 7.93 -10.75 4.11
N GLY A 70 8.29 -10.52 2.86
CA GLY A 70 7.47 -11.02 1.76
C GLY A 70 6.28 -10.17 1.38
N ALA A 71 6.15 -9.01 2.02
CA ALA A 71 5.04 -8.12 1.72
C ALA A 71 5.28 -7.37 0.41
N ASP A 72 6.52 -7.43 -0.09
CA ASP A 72 6.84 -6.76 -1.36
C ASP A 72 6.07 -7.49 -2.46
N LYS A 73 5.62 -8.71 -2.15
CA LYS A 73 4.85 -9.50 -3.10
C LYS A 73 3.61 -8.70 -3.48
N LEU A 74 2.99 -8.09 -2.49
CA LEU A 74 1.80 -7.28 -2.70
C LEU A 74 2.16 -5.86 -3.15
N CYS A 75 3.39 -5.42 -2.87
CA CYS A 75 3.81 -4.06 -3.19
C CYS A 75 4.55 -3.85 -4.49
N ARG A 76 4.86 -4.94 -5.19
CA ARG A 76 5.52 -4.84 -6.47
C ARG A 76 4.52 -5.19 -7.54
N LYS A 77 4.30 -4.24 -8.45
CA LYS A 77 3.33 -4.37 -9.53
C LYS A 77 3.34 -5.75 -10.15
N ALA A 78 4.47 -6.09 -10.76
CA ALA A 78 4.64 -7.40 -11.40
C ALA A 78 4.19 -8.52 -10.46
N SER A 79 4.62 -8.45 -9.20
CA SER A 79 4.24 -9.46 -8.21
C SER A 79 2.75 -9.34 -7.93
N LEU A 80 2.27 -8.11 -7.83
CA LEU A 80 0.86 -7.87 -7.56
C LEU A 80 -0.01 -8.42 -8.66
N VAL A 81 0.43 -8.28 -9.90
CA VAL A 81 -0.36 -8.80 -11.02
C VAL A 81 -0.43 -10.31 -10.93
N LYS A 82 0.72 -10.94 -10.66
CA LYS A 82 0.82 -12.40 -10.55
C LYS A 82 0.04 -12.97 -9.40
N LEU A 83 0.11 -12.30 -8.24
CA LEU A 83 -0.59 -12.75 -7.04
C LEU A 83 -2.11 -12.83 -7.28
N ILE A 84 -2.59 -11.98 -8.17
CA ILE A 84 -4.01 -11.93 -8.50
C ILE A 84 -4.40 -12.96 -9.56
N LYS A 85 -3.60 -13.06 -10.62
CA LYS A 85 -3.87 -14.02 -11.70
C LYS A 85 -4.02 -15.43 -11.12
N THR A 86 -3.02 -15.87 -10.38
CA THR A 86 -3.04 -17.19 -9.77
C THR A 86 -4.29 -17.35 -8.89
N SER A 87 -4.36 -16.56 -7.82
CA SER A 87 -5.47 -16.60 -6.87
C SER A 87 -6.85 -16.90 -7.49
N PRO A 88 -7.44 -18.05 -7.11
CA PRO A 88 -8.75 -18.49 -7.61
C PRO A 88 -9.87 -17.46 -7.43
N GLU A 89 -10.23 -17.20 -6.18
CA GLU A 89 -11.29 -16.25 -5.86
C GLU A 89 -10.80 -14.80 -5.92
N LEU A 90 -10.05 -14.49 -6.97
CA LEU A 90 -9.51 -13.14 -7.14
C LEU A 90 -9.43 -12.75 -8.61
N THR A 91 -8.63 -13.49 -9.38
CA THR A 91 -8.47 -13.22 -10.81
C THR A 91 -9.81 -13.17 -11.55
N GLU A 92 -10.75 -13.99 -11.08
CA GLU A 92 -12.09 -14.06 -11.70
C GLU A 92 -13.10 -13.14 -11.01
N THR A 93 -12.69 -12.50 -9.92
CA THR A 93 -13.56 -11.59 -9.19
C THR A 93 -12.94 -10.19 -9.10
N CYS A 94 -11.72 -10.03 -9.62
CA CYS A 94 -11.04 -8.75 -9.59
C CYS A 94 -11.55 -7.72 -10.58
N THR A 95 -12.78 -7.29 -10.37
CA THR A 95 -13.41 -6.28 -11.22
C THR A 95 -12.83 -4.92 -10.86
N TRP A 96 -11.91 -4.90 -9.92
CA TRP A 96 -11.29 -3.66 -9.48
C TRP A 96 -9.82 -3.55 -9.85
N PHE A 97 -9.26 -4.62 -10.37
CA PHE A 97 -7.87 -4.54 -10.77
C PHE A 97 -7.79 -4.28 -12.26
N PRO A 98 -6.98 -3.30 -12.66
CA PRO A 98 -6.84 -3.00 -14.08
C PRO A 98 -6.30 -4.21 -14.85
N GLU A 99 -6.68 -4.32 -16.11
CA GLU A 99 -6.20 -5.42 -16.94
C GLU A 99 -4.69 -5.21 -17.02
N SER A 100 -3.94 -6.19 -16.52
CA SER A 100 -2.49 -6.06 -16.53
C SER A 100 -1.74 -7.27 -17.10
N TYR A 101 -0.56 -7.00 -17.64
CA TYR A 101 0.29 -8.03 -18.19
C TYR A 101 1.74 -7.68 -17.86
N VAL A 102 2.52 -8.68 -17.44
CA VAL A 102 3.94 -8.48 -17.11
C VAL A 102 4.78 -8.86 -18.33
N ILE A 103 5.74 -8.01 -18.65
CA ILE A 103 6.62 -8.24 -19.79
C ILE A 103 8.07 -8.01 -19.41
N TYR A 104 8.93 -8.97 -19.75
CA TYR A 104 10.36 -8.84 -19.46
C TYR A 104 11.01 -8.32 -20.74
N PRO A 105 11.99 -7.41 -20.62
CA PRO A 105 12.67 -6.83 -21.79
C PRO A 105 13.58 -7.83 -22.50
N GLU A 130 5.60 -13.16 -20.70
CA GLU A 130 4.20 -13.10 -21.12
C GLU A 130 4.08 -12.41 -22.47
N ARG A 131 3.48 -11.22 -22.50
CA ARG A 131 3.33 -10.45 -23.74
C ARG A 131 2.42 -11.16 -24.76
N GLU A 132 2.05 -12.40 -24.45
CA GLU A 132 1.20 -13.18 -25.34
C GLU A 132 -0.27 -12.79 -25.23
N GLU A 133 -0.81 -12.82 -24.01
CA GLU A 133 -2.20 -12.48 -23.81
C GLU A 133 -2.45 -11.00 -24.10
N PHE A 134 -1.42 -10.18 -23.92
CA PHE A 134 -1.55 -8.75 -24.17
C PHE A 134 -2.13 -8.50 -25.56
N ARG A 135 -1.47 -9.03 -26.56
CA ARG A 135 -1.90 -8.88 -27.96
C ARG A 135 -3.31 -9.43 -28.16
N SER A 136 -3.51 -10.68 -27.76
CA SER A 136 -4.81 -11.36 -27.88
C SER A 136 -5.91 -10.60 -27.14
N SER A 137 -5.51 -9.62 -26.34
CA SER A 137 -6.47 -8.81 -25.58
C SER A 137 -6.49 -7.40 -26.15
N PHE A 138 -5.42 -7.02 -26.83
CA PHE A 138 -5.33 -5.72 -27.45
C PHE A 138 -6.22 -5.73 -28.71
N ASN A 139 -6.03 -6.78 -29.52
CA ASN A 139 -6.76 -6.96 -30.78
C ASN A 139 -8.26 -7.00 -30.50
N LYS A 140 -8.68 -7.96 -29.68
CA LYS A 140 -10.08 -8.11 -29.33
C LYS A 140 -10.72 -6.74 -29.17
N LYS A 141 -10.07 -5.89 -28.38
CA LYS A 141 -10.55 -4.54 -28.13
C LYS A 141 -10.51 -3.67 -29.39
N LYS A 142 -9.59 -3.98 -30.29
CA LYS A 142 -9.46 -3.24 -31.55
C LYS A 142 -10.64 -3.62 -32.46
N GLU A 143 -10.97 -4.91 -32.47
CA GLU A 143 -12.06 -5.45 -33.28
C GLU A 143 -13.45 -5.23 -32.65
N ASN A 144 -13.47 -4.72 -31.43
CA ASN A 144 -14.73 -4.44 -30.74
C ASN A 144 -14.88 -2.93 -30.64
N GLU A 145 -13.90 -2.23 -31.19
CA GLU A 145 -13.88 -0.77 -31.20
C GLU A 145 -14.27 -0.17 -29.87
N GLU A 146 -13.40 -0.37 -28.88
CA GLU A 146 -13.60 0.15 -27.55
C GLU A 146 -12.32 0.85 -27.12
N GLY A 147 -12.33 1.45 -25.93
CA GLY A 147 -11.14 2.12 -25.45
C GLY A 147 -10.00 1.13 -25.52
N ASN A 148 -8.86 1.56 -26.07
CA ASN A 148 -7.72 0.66 -26.19
C ASN A 148 -6.40 1.42 -26.05
N VAL A 149 -6.26 2.14 -24.94
CA VAL A 149 -5.06 2.91 -24.62
C VAL A 149 -4.45 2.33 -23.33
N TRP A 150 -3.17 1.94 -23.39
CA TRP A 150 -2.53 1.35 -22.22
C TRP A 150 -1.40 2.19 -21.62
N ILE A 151 -0.88 1.75 -20.48
CA ILE A 151 0.22 2.46 -19.79
C ILE A 151 1.35 1.52 -19.37
N ALA A 152 2.59 1.95 -19.57
CA ALA A 152 3.76 1.15 -19.24
C ALA A 152 4.63 1.70 -18.10
N LYS A 153 4.72 0.93 -17.01
CA LYS A 153 5.51 1.32 -15.83
C LYS A 153 6.32 0.18 -15.21
N SER A 154 7.31 0.54 -14.37
CA SER A 154 8.17 -0.44 -13.68
C SER A 154 7.63 -0.89 -12.33
N SER A 155 8.02 -2.11 -11.92
CA SER A 155 7.57 -2.69 -10.64
C SER A 155 8.31 -2.12 -9.43
N SER A 156 9.62 -1.95 -9.56
CA SER A 156 10.42 -1.41 -8.46
C SER A 156 11.17 -0.16 -8.95
N GLY A 157 10.77 0.34 -10.11
CA GLY A 157 11.39 1.51 -10.69
C GLY A 157 11.05 2.78 -9.93
N GLY A 162 9.07 7.70 -15.92
CA GLY A 162 9.48 6.35 -16.27
C GLY A 162 8.31 5.52 -16.77
N ILE A 163 7.29 6.20 -17.28
CA ILE A 163 6.09 5.54 -17.79
C ILE A 163 5.74 6.04 -19.20
N LEU A 164 4.98 5.23 -19.94
CA LEU A 164 4.57 5.58 -21.29
C LEU A 164 3.10 5.27 -21.47
N ILE A 165 2.34 6.23 -21.99
CA ILE A 165 0.91 6.04 -22.18
C ILE A 165 0.51 6.12 -23.64
N SER A 166 0.72 5.04 -24.39
CA SER A 166 0.35 5.04 -25.80
C SER A 166 -0.89 4.18 -26.06
N SER A 167 -1.18 3.93 -27.33
CA SER A 167 -2.35 3.14 -27.68
C SER A 167 -2.03 2.01 -28.66
N ASP A 168 -0.78 1.94 -29.12
CA ASP A 168 -0.35 0.90 -30.04
C ASP A 168 0.54 -0.12 -29.35
N ALA A 169 0.18 -1.39 -29.46
CA ALA A 169 0.93 -2.48 -28.84
C ALA A 169 2.43 -2.34 -29.08
N THR A 170 2.84 -2.41 -30.35
CA THR A 170 4.25 -2.29 -30.71
C THR A 170 4.83 -0.95 -30.27
N GLU A 171 3.98 0.07 -30.13
CA GLU A 171 4.42 1.39 -29.71
C GLU A 171 4.71 1.40 -28.21
N LEU A 172 4.68 0.22 -27.60
CA LEU A 172 4.93 0.09 -26.16
C LEU A 172 5.96 -1.00 -25.87
N LEU A 173 5.72 -2.20 -26.40
CA LEU A 173 6.63 -3.32 -26.20
C LEU A 173 8.05 -2.89 -26.56
N ASP A 174 8.24 -2.47 -27.80
CA ASP A 174 9.54 -2.03 -28.29
C ASP A 174 10.13 -0.94 -27.39
N PHE A 175 9.27 -0.29 -26.60
CA PHE A 175 9.73 0.77 -25.70
C PHE A 175 10.14 0.20 -24.35
N ILE A 176 9.61 -0.98 -24.02
CA ILE A 176 9.92 -1.64 -22.76
C ILE A 176 11.17 -2.49 -22.91
N ASP A 177 11.57 -2.72 -24.17
CA ASP A 177 12.76 -3.50 -24.46
C ASP A 177 14.01 -2.63 -24.35
N ASN A 178 13.85 -1.34 -24.64
CA ASN A 178 14.97 -0.41 -24.57
C ASN A 178 15.38 -0.13 -23.13
N GLN A 179 14.39 0.21 -22.31
CA GLN A 179 14.61 0.52 -20.89
C GLN A 179 15.21 -0.66 -20.14
N GLY A 180 14.66 -1.85 -20.38
CA GLY A 180 15.15 -3.04 -19.71
C GLY A 180 14.97 -2.96 -18.20
N GLN A 181 13.74 -3.12 -17.74
CA GLN A 181 13.45 -3.06 -16.31
C GLN A 181 12.25 -3.95 -15.94
N VAL A 182 11.83 -4.78 -16.89
CA VAL A 182 10.70 -5.68 -16.68
C VAL A 182 9.46 -4.95 -16.17
N HIS A 183 8.77 -4.25 -17.07
CA HIS A 183 7.56 -3.50 -16.73
C HIS A 183 6.28 -4.32 -16.94
N VAL A 184 5.15 -3.66 -16.70
CA VAL A 184 3.84 -4.27 -16.90
C VAL A 184 3.02 -3.25 -17.66
N ILE A 185 2.13 -3.73 -18.54
CA ILE A 185 1.29 -2.83 -19.31
C ILE A 185 -0.09 -2.88 -18.69
N GLN A 186 -0.63 -1.72 -18.36
CA GLN A 186 -1.94 -1.66 -17.75
C GLN A 186 -2.98 -0.83 -18.50
N LYS A 187 -4.22 -1.30 -18.45
CA LYS A 187 -5.33 -0.63 -19.09
C LYS A 187 -5.46 0.72 -18.39
N TYR A 188 -5.15 1.78 -19.13
CA TYR A 188 -5.22 3.16 -18.63
C TYR A 188 -6.67 3.60 -18.41
N LEU A 189 -6.89 4.39 -17.35
CA LEU A 189 -8.23 4.88 -17.04
C LEU A 189 -8.54 6.10 -17.92
N GLU A 190 -9.37 5.87 -18.94
CA GLU A 190 -9.73 6.91 -19.90
C GLU A 190 -10.84 7.86 -19.41
N SER A 191 -11.79 7.33 -18.66
CA SER A 191 -12.90 8.12 -18.15
C SER A 191 -12.83 8.25 -16.63
N PRO A 192 -11.95 9.13 -16.14
CA PRO A 192 -11.79 9.34 -14.70
C PRO A 192 -12.72 10.40 -14.12
N LEU A 193 -13.19 10.17 -12.90
CA LEU A 193 -14.04 11.13 -12.23
C LEU A 193 -13.17 12.37 -12.00
N LEU A 194 -13.73 13.55 -12.23
CA LEU A 194 -12.93 14.76 -12.06
C LEU A 194 -13.43 15.65 -10.92
N LEU A 195 -12.66 16.68 -10.62
CA LEU A 195 -13.03 17.61 -9.57
C LEU A 195 -13.13 19.02 -10.12
N GLU A 196 -14.28 19.65 -9.93
CA GLU A 196 -14.49 21.02 -10.38
C GLU A 196 -14.27 21.93 -9.18
N PRO A 197 -14.11 23.25 -9.41
CA PRO A 197 -14.11 23.97 -10.68
C PRO A 197 -12.83 23.87 -11.50
N GLY A 198 -11.77 23.30 -10.91
CA GLY A 198 -10.51 23.19 -11.62
C GLY A 198 -10.46 22.10 -12.67
N HIS A 199 -11.45 21.22 -12.67
CA HIS A 199 -11.51 20.10 -13.61
C HIS A 199 -10.14 19.45 -13.72
N ARG A 200 -9.82 18.64 -12.73
CA ARG A 200 -8.54 17.95 -12.67
C ARG A 200 -8.68 16.55 -12.07
N LYS A 201 -7.84 15.64 -12.57
CA LYS A 201 -7.80 14.24 -12.14
C LYS A 201 -7.19 14.09 -10.74
N PHE A 202 -7.47 12.97 -10.10
CA PHE A 202 -6.95 12.71 -8.75
C PHE A 202 -6.77 11.22 -8.43
N ASP A 203 -6.19 10.96 -7.27
CA ASP A 203 -6.01 9.60 -6.77
C ASP A 203 -6.16 9.66 -5.26
N ILE A 204 -6.58 8.55 -4.67
CA ILE A 204 -6.79 8.49 -3.23
C ILE A 204 -5.79 7.59 -2.53
N ARG A 205 -5.19 8.11 -1.46
CA ARG A 205 -4.21 7.36 -0.67
C ARG A 205 -4.88 6.90 0.62
N SER A 206 -4.83 5.61 0.88
CA SER A 206 -5.45 5.06 2.08
C SER A 206 -4.37 4.36 2.94
N TRP A 207 -4.51 4.50 4.26
CA TRP A 207 -3.54 3.93 5.18
C TRP A 207 -4.06 2.72 5.95
N VAL A 208 -3.37 1.59 5.78
CA VAL A 208 -3.78 0.34 6.45
C VAL A 208 -2.65 -0.21 7.32
N LEU A 209 -3.00 -0.57 8.56
CA LEU A 209 -2.03 -1.10 9.52
C LEU A 209 -2.36 -2.54 9.78
N VAL A 210 -1.37 -3.40 9.62
CA VAL A 210 -1.55 -4.81 9.86
C VAL A 210 -0.69 -5.18 11.07
N ASP A 211 -1.33 -5.51 12.18
CA ASP A 211 -0.61 -5.86 13.39
C ASP A 211 -0.05 -7.27 13.36
N ASN A 212 0.65 -7.61 14.44
CA ASN A 212 1.31 -8.90 14.60
C ASN A 212 0.34 -10.08 14.70
N GLN A 213 -0.95 -9.79 14.88
CA GLN A 213 -1.98 -10.82 14.97
C GLN A 213 -2.79 -10.95 13.68
N TYR A 214 -2.49 -10.07 12.74
CA TYR A 214 -3.11 -9.94 11.43
C TYR A 214 -4.47 -9.30 11.40
N ASN A 215 -4.68 -8.32 12.26
CA ASN A 215 -5.93 -7.57 12.26
C ASN A 215 -5.64 -6.45 11.27
N ILE A 216 -6.60 -6.15 10.40
CA ILE A 216 -6.41 -5.11 9.41
C ILE A 216 -7.09 -3.81 9.85
N TYR A 217 -6.31 -2.82 10.27
CA TYR A 217 -6.87 -1.54 10.68
C TYR A 217 -6.74 -0.47 9.58
N LEU A 218 -7.83 0.21 9.26
CA LEU A 218 -7.81 1.26 8.25
C LEU A 218 -7.93 2.64 8.89
N TYR A 219 -6.98 3.51 8.59
CA TYR A 219 -6.99 4.86 9.14
C TYR A 219 -8.15 5.63 8.49
N ARG A 220 -8.99 6.25 9.33
CA ARG A 220 -10.16 7.00 8.88
C ARG A 220 -9.84 8.18 7.96
N GLU A 221 -8.73 8.86 8.21
CA GLU A 221 -8.35 9.98 7.35
C GLU A 221 -7.55 9.52 6.14
N GLY A 222 -8.10 9.77 4.96
CA GLY A 222 -7.42 9.43 3.71
C GLY A 222 -6.88 10.73 3.15
N VAL A 223 -6.58 10.76 1.85
CA VAL A 223 -6.06 11.99 1.24
C VAL A 223 -6.11 11.90 -0.28
N LEU A 224 -6.47 13.01 -0.92
CA LEU A 224 -6.55 13.05 -2.37
C LEU A 224 -5.42 13.87 -2.97
N ARG A 225 -4.77 13.32 -3.98
CA ARG A 225 -3.69 14.03 -4.65
C ARG A 225 -4.21 14.37 -6.03
N THR A 226 -4.28 15.66 -6.33
CA THR A 226 -4.79 16.12 -7.61
C THR A 226 -3.67 16.58 -8.54
N SER A 227 -4.05 17.01 -9.75
CA SER A 227 -3.10 17.44 -10.76
C SER A 227 -3.10 18.94 -11.06
N SER A 228 -2.80 19.28 -12.33
CA SER A 228 -2.76 20.67 -12.81
C SER A 228 -3.64 20.82 -14.07
N ASN A 263 -2.24 21.22 -3.92
CA ASN A 263 -2.76 20.10 -4.68
C ASN A 263 -2.94 18.88 -3.77
N GLU A 264 -3.95 18.94 -2.91
CA GLU A 264 -4.26 17.88 -1.95
C GLU A 264 -5.60 18.17 -1.25
N MET A 265 -6.37 17.13 -0.97
CA MET A 265 -7.68 17.29 -0.33
C MET A 265 -8.07 16.12 0.56
N PHE A 266 -8.34 16.40 1.83
CA PHE A 266 -8.71 15.36 2.79
C PHE A 266 -10.15 14.91 2.60
N PHE A 267 -10.49 13.78 3.21
CA PHE A 267 -11.83 13.21 3.12
C PHE A 267 -12.91 14.23 3.44
N GLU A 268 -12.59 15.16 4.33
CA GLU A 268 -13.50 16.23 4.74
C GLU A 268 -14.06 16.96 3.52
N GLU A 269 -13.17 17.71 2.88
CA GLU A 269 -13.51 18.49 1.70
C GLU A 269 -14.05 17.63 0.56
N PHE A 270 -13.52 16.42 0.42
CA PHE A 270 -13.92 15.49 -0.64
C PHE A 270 -15.37 15.06 -0.54
N ASN A 271 -15.89 15.01 0.69
CA ASN A 271 -17.28 14.61 0.90
C ASN A 271 -18.25 15.77 0.65
N GLN A 272 -17.79 16.99 0.90
CA GLN A 272 -18.60 18.18 0.69
C GLN A 272 -18.57 18.49 -0.81
N TYR A 273 -18.20 17.49 -1.60
CA TYR A 273 -18.13 17.62 -3.06
C TYR A 273 -18.87 16.46 -3.70
N LEU A 274 -18.75 15.28 -3.10
CA LEU A 274 -19.40 14.09 -3.62
C LEU A 274 -20.87 14.14 -3.20
N VAL A 275 -21.21 15.17 -2.44
CA VAL A 275 -22.59 15.35 -1.97
C VAL A 275 -23.21 16.64 -2.53
N THR A 276 -22.50 17.75 -2.34
CA THR A 276 -22.94 19.07 -2.81
C THR A 276 -22.82 19.20 -4.33
N SER A 277 -22.80 18.06 -5.02
CA SER A 277 -22.69 18.03 -6.48
C SER A 277 -22.87 16.60 -6.98
N LEU A 278 -23.63 15.80 -6.23
CA LEU A 278 -23.88 14.42 -6.60
C LEU A 278 -24.87 13.80 -5.62
N ASN A 279 -25.59 12.76 -6.07
CA ASN A 279 -26.56 12.09 -5.22
C ASN A 279 -25.96 10.86 -4.58
N ILE A 280 -24.89 11.05 -3.81
CA ILE A 280 -24.23 9.94 -3.12
C ILE A 280 -23.27 10.45 -2.05
N ASN A 281 -22.88 9.55 -1.14
CA ASN A 281 -21.98 9.90 -0.05
C ASN A 281 -20.63 9.20 -0.21
N LEU A 282 -19.62 9.67 0.53
CA LEU A 282 -18.27 9.09 0.47
C LEU A 282 -18.18 7.67 1.01
N GLU A 283 -19.02 7.38 2.00
CA GLU A 283 -19.07 6.07 2.64
C GLU A 283 -19.88 5.08 1.80
N ASN A 284 -20.88 5.60 1.11
CA ASN A 284 -21.77 4.76 0.31
C ASN A 284 -21.33 4.48 -1.12
N SER A 285 -20.28 5.15 -1.59
CA SER A 285 -19.83 4.91 -2.96
C SER A 285 -18.39 4.41 -3.09
N ILE A 286 -17.46 5.18 -2.55
CA ILE A 286 -16.05 4.84 -2.64
C ILE A 286 -15.52 4.07 -1.43
N LEU A 287 -15.49 4.72 -0.26
CA LEU A 287 -14.99 4.09 0.96
C LEU A 287 -15.42 2.63 1.13
N CYS A 288 -16.64 2.32 0.72
CA CYS A 288 -17.16 0.96 0.81
C CYS A 288 -16.32 0.04 -0.03
N GLN A 289 -16.10 0.45 -1.28
CA GLN A 289 -15.33 -0.34 -2.21
C GLN A 289 -13.87 -0.47 -1.75
N ILE A 290 -13.31 0.61 -1.24
CA ILE A 290 -11.93 0.62 -0.77
C ILE A 290 -11.67 -0.46 0.27
N LYS A 291 -12.60 -0.60 1.20
CA LYS A 291 -12.52 -1.58 2.27
C LYS A 291 -12.47 -2.99 1.70
N GLU A 292 -13.32 -3.28 0.72
CA GLU A 292 -13.34 -4.61 0.10
C GLU A 292 -12.00 -5.00 -0.55
N ILE A 293 -11.43 -4.11 -1.36
CA ILE A 293 -10.16 -4.37 -2.05
C ILE A 293 -9.01 -4.62 -1.07
N ILE A 294 -8.89 -3.76 -0.06
CA ILE A 294 -7.84 -3.87 0.95
C ILE A 294 -7.92 -5.25 1.59
N ARG A 295 -9.11 -5.55 2.12
CA ARG A 295 -9.39 -6.82 2.77
C ARG A 295 -9.01 -8.02 1.89
N VAL A 296 -9.45 -8.02 0.63
CA VAL A 296 -9.15 -9.11 -0.28
C VAL A 296 -7.66 -9.31 -0.47
N CYS A 297 -6.98 -8.23 -0.82
CA CYS A 297 -5.53 -8.25 -1.04
C CYS A 297 -4.73 -8.76 0.17
N LEU A 298 -5.11 -8.34 1.37
CA LEU A 298 -4.37 -8.78 2.55
C LEU A 298 -4.71 -10.20 2.96
N SER A 299 -5.99 -10.56 2.83
CA SER A 299 -6.47 -11.90 3.17
C SER A 299 -5.85 -12.93 2.23
N CYS A 300 -5.51 -12.49 1.02
CA CYS A 300 -4.91 -13.33 0.01
C CYS A 300 -3.42 -13.48 0.22
N LEU A 301 -2.81 -12.43 0.77
CA LEU A 301 -1.38 -12.39 1.03
C LEU A 301 -0.96 -13.11 2.32
N GLU A 302 -1.84 -13.10 3.32
CA GLU A 302 -1.56 -13.72 4.62
C GLU A 302 -0.72 -14.99 4.65
N PRO A 303 -1.24 -16.12 4.12
CA PRO A 303 -0.45 -17.37 4.13
C PRO A 303 1.01 -17.29 3.67
N ALA A 304 1.36 -16.31 2.85
CA ALA A 304 2.74 -16.17 2.41
C ALA A 304 3.59 -15.27 3.31
N ILE A 305 2.94 -14.59 4.27
CA ILE A 305 3.67 -13.70 5.16
C ILE A 305 3.38 -13.87 6.64
N SER A 306 2.42 -14.72 6.98
CA SER A 306 2.10 -14.95 8.39
C SER A 306 3.37 -15.31 9.15
N THR A 307 3.47 -14.78 10.37
CA THR A 307 4.61 -15.01 11.22
C THR A 307 4.19 -15.94 12.34
N LYS A 308 3.11 -16.67 12.10
CA LYS A 308 2.58 -17.58 13.09
C LYS A 308 3.68 -18.48 13.68
N TYR A 309 4.41 -19.19 12.82
CA TYR A 309 5.46 -20.07 13.27
C TYR A 309 6.87 -19.47 13.15
N LEU A 310 7.02 -18.16 13.33
CA LEU A 310 8.34 -17.54 13.24
C LEU A 310 8.78 -17.12 14.64
N PRO A 311 10.09 -16.94 14.87
CA PRO A 311 10.52 -16.57 16.21
C PRO A 311 10.51 -15.06 16.53
N TYR A 312 9.68 -14.28 15.83
CA TYR A 312 9.59 -12.83 16.07
C TYR A 312 8.26 -12.36 15.50
N HIS A 313 7.86 -11.15 15.90
CA HIS A 313 6.59 -10.59 15.45
C HIS A 313 6.80 -9.48 14.45
N SER A 314 5.81 -9.26 13.60
CA SER A 314 5.93 -8.13 12.72
C SER A 314 4.58 -7.44 12.47
N PHE A 315 4.63 -6.17 12.09
CA PHE A 315 3.44 -5.41 11.74
C PHE A 315 3.95 -4.56 10.58
N GLN A 316 3.03 -4.00 9.80
CA GLN A 316 3.42 -3.13 8.69
C GLN A 316 2.29 -2.14 8.32
N LEU A 317 2.70 -0.94 7.88
CA LEU A 317 1.79 0.11 7.44
C LEU A 317 1.81 0.12 5.93
N PHE A 318 0.64 0.03 5.32
CA PHE A 318 0.55 0.03 3.87
C PHE A 318 -0.15 1.26 3.34
N GLY A 319 0.28 1.70 2.17
CA GLY A 319 -0.33 2.84 1.54
C GLY A 319 -1.04 2.32 0.31
N PHE A 320 -2.37 2.35 0.32
CA PHE A 320 -3.14 1.89 -0.83
C PHE A 320 -3.49 3.11 -1.66
N ASP A 321 -3.25 3.04 -2.97
CA ASP A 321 -3.55 4.14 -3.90
C ASP A 321 -4.64 3.74 -4.90
N PHE A 322 -5.73 4.50 -4.92
CA PHE A 322 -6.85 4.20 -5.82
C PHE A 322 -7.23 5.27 -6.84
N MET A 323 -8.03 4.84 -7.81
CA MET A 323 -8.50 5.74 -8.84
C MET A 323 -9.99 5.49 -8.99
N VAL A 324 -10.75 6.55 -9.29
CA VAL A 324 -12.18 6.43 -9.48
C VAL A 324 -12.54 6.91 -10.88
N ASP A 325 -13.32 6.11 -11.61
CA ASP A 325 -13.74 6.53 -12.95
C ASP A 325 -15.06 7.32 -12.85
N LYS A 326 -15.60 7.72 -13.99
CA LYS A 326 -16.87 8.47 -14.04
C LYS A 326 -18.04 7.68 -13.43
N ASN A 327 -18.08 6.37 -13.69
CA ASN A 327 -19.14 5.52 -13.14
C ASN A 327 -19.05 5.42 -11.62
N LEU A 328 -18.14 6.17 -11.01
CA LEU A 328 -17.97 6.14 -9.56
C LEU A 328 -17.38 4.81 -9.03
N LYS A 329 -16.73 4.09 -9.95
CA LYS A 329 -16.07 2.81 -9.68
C LYS A 329 -14.62 3.01 -9.16
N VAL A 330 -14.24 2.24 -8.13
CA VAL A 330 -12.91 2.33 -7.56
C VAL A 330 -11.98 1.25 -8.06
N TRP A 331 -10.83 1.68 -8.56
CA TRP A 331 -9.83 0.76 -9.07
C TRP A 331 -8.55 0.86 -8.22
N LEU A 332 -7.89 -0.27 -8.01
CA LEU A 332 -6.66 -0.27 -7.25
C LEU A 332 -5.55 0.12 -8.20
N ILE A 333 -4.75 1.11 -7.83
CA ILE A 333 -3.63 1.51 -8.69
C ILE A 333 -2.39 0.79 -8.20
N GLU A 334 -2.13 0.87 -6.90
CA GLU A 334 -0.99 0.19 -6.33
C GLU A 334 -1.01 0.23 -4.81
N VAL A 335 -0.12 -0.56 -4.21
CA VAL A 335 0.01 -0.61 -2.77
C VAL A 335 1.45 -0.22 -2.45
N ASN A 336 1.63 0.65 -1.48
CA ASN A 336 2.97 1.09 -1.10
C ASN A 336 3.35 0.51 0.26
N GLY A 337 4.47 -0.21 0.30
CA GLY A 337 4.96 -0.83 1.52
C GLY A 337 5.55 0.11 2.57
N ALA A 338 6.13 1.22 2.11
CA ALA A 338 6.74 2.22 3.01
C ALA A 338 6.22 3.59 2.65
N PRO A 339 4.92 3.81 2.89
CA PRO A 339 4.32 5.09 2.55
C PRO A 339 4.74 6.18 3.52
N ALA A 340 4.83 7.41 3.02
CA ALA A 340 5.14 8.55 3.86
C ALA A 340 3.73 8.96 4.31
N CYS A 341 3.57 10.16 4.84
CA CYS A 341 2.25 10.57 5.28
C CYS A 341 2.02 12.03 4.90
N ALA A 342 0.83 12.54 5.20
CA ALA A 342 0.51 13.93 4.95
C ALA A 342 0.90 14.63 6.25
N GLN A 343 1.56 15.79 6.14
CA GLN A 343 2.03 16.53 7.32
C GLN A 343 0.99 16.66 8.45
N LYS A 344 -0.26 16.91 8.10
CA LYS A 344 -1.31 17.07 9.10
C LYS A 344 -1.68 15.78 9.84
N LEU A 345 -1.39 14.62 9.27
CA LEU A 345 -1.76 13.36 9.91
C LEU A 345 -0.70 12.62 10.74
N TYR A 346 0.56 12.71 10.31
CA TYR A 346 1.65 12.04 11.02
C TYR A 346 1.34 11.76 12.49
N ALA A 347 1.23 12.81 13.29
CA ALA A 347 0.95 12.67 14.71
C ALA A 347 -0.19 11.72 15.07
N GLU A 348 -1.36 11.89 14.44
CA GLU A 348 -2.47 11.02 14.79
C GLU A 348 -2.25 9.62 14.26
N LEU A 349 -1.64 9.54 13.08
CA LEU A 349 -1.36 8.26 12.47
C LEU A 349 -0.35 7.51 13.35
N CYS A 350 0.87 8.04 13.40
CA CYS A 350 1.94 7.44 14.17
C CYS A 350 1.56 7.07 15.60
N LYS A 351 0.76 7.91 16.27
CA LYS A 351 0.36 7.58 17.64
C LYS A 351 -0.52 6.34 17.61
N GLY A 352 -1.11 6.07 16.45
CA GLY A 352 -1.97 4.91 16.30
C GLY A 352 -1.20 3.63 16.05
N ILE A 353 -0.01 3.78 15.50
CA ILE A 353 0.84 2.64 15.23
C ILE A 353 1.41 2.15 16.56
N VAL A 354 1.76 3.09 17.44
CA VAL A 354 2.27 2.71 18.76
C VAL A 354 1.13 2.13 19.60
N ASP A 355 -0.06 2.67 19.43
CA ASP A 355 -1.21 2.18 20.19
C ASP A 355 -1.69 0.78 19.82
N LEU A 356 -1.84 0.55 18.52
CA LEU A 356 -2.36 -0.72 18.03
C LEU A 356 -1.37 -1.82 17.68
N ALA A 357 -0.22 -1.45 17.11
CA ALA A 357 0.78 -2.44 16.72
C ALA A 357 1.98 -2.59 17.67
N ILE A 358 2.26 -1.57 18.49
CA ILE A 358 3.39 -1.68 19.39
C ILE A 358 3.04 -2.03 20.85
N SER A 359 2.28 -1.15 21.51
CA SER A 359 1.90 -1.37 22.90
C SER A 359 0.96 -2.57 23.05
N SER A 360 0.41 -3.02 21.91
CA SER A 360 -0.46 -4.18 21.91
C SER A 360 0.39 -5.43 22.11
N VAL A 361 1.71 -5.26 22.01
CA VAL A 361 2.65 -6.35 22.19
C VAL A 361 3.45 -6.05 23.46
N PHE A 362 3.89 -4.80 23.58
CA PHE A 362 4.65 -4.34 24.76
C PHE A 362 3.80 -3.31 25.53
N PRO A 363 3.01 -3.77 26.50
CA PRO A 363 2.13 -2.91 27.32
C PRO A 363 2.83 -1.81 28.13
N LEU A 364 2.10 -0.71 28.35
CA LEU A 364 2.61 0.41 29.13
C LEU A 364 1.72 0.62 30.35
N ASN A 365 2.05 1.63 31.17
CA ASN A 365 1.25 1.93 32.37
C ASN A 365 0.05 2.81 32.07
N GLU A 366 -1.04 2.57 32.80
CA GLU A 366 -2.27 3.33 32.62
C GLU A 366 -3.30 2.95 33.70
N PHE A 377 -9.17 4.68 13.35
CA PHE A 377 -9.02 3.34 12.77
C PHE A 377 -10.28 2.50 12.72
N ILE A 378 -10.50 1.85 11.59
CA ILE A 378 -11.62 0.98 11.34
C ILE A 378 -11.03 -0.41 11.15
N LYS A 379 -11.53 -1.41 11.85
CA LYS A 379 -10.99 -2.77 11.71
C LYS A 379 -11.73 -3.54 10.62
N LEU A 380 -11.06 -3.79 9.51
CA LEU A 380 -11.67 -4.52 8.39
C LEU A 380 -11.67 -6.02 8.64
#